data_6Q4X
#
_entry.id   6Q4X
#
_cell.length_a   55.567
_cell.length_b   98.607
_cell.length_c   107.402
_cell.angle_alpha   90.00
_cell.angle_beta   90.00
_cell.angle_gamma   90.00
#
_symmetry.space_group_name_H-M   'P 21 21 21'
#
loop_
_entity.id
_entity.type
_entity.pdbx_description
1 polymer 'Uncharacterized protein'
2 non-polymer 'SODIUM ION'
3 water water
#
_entity_poly.entity_id   1
_entity_poly.type   'polypeptide(L)'
_entity_poly.pdbx_seq_one_letter_code
;MGSSHHHHHHSSGLVPRGSHMGLLNTKPCSLIPAKEAFEREKKIYGKAILSFDGVNGYDVYNCSIPFTYDGKTYIFGRVE
KKDEWVHSNSILFEKVGENRYRRHPASITYNLEDPFVVKIHGEMVFGGTHVTKNGGKVSDYRCEFYHGTPFNLKYFSSGP
SKMKDIRLVELADGKIGIFTHFRTEGSCLTGFTTIDKVEDLTVEVINSAKLINHRPFGDAWGGPSQVYLLSSGLLGCISH
HGYLLDQKDGIQLRIYACTSFVFDPATYEVYNFKIIGTKGCFPPCEPKLPHLADCAFVSGIEMRNDGKCNLYSGIGDVAE
GYIVIDYPFEGYGKIVSDVAF
;
_entity_poly.pdbx_strand_id   A,B
#
# COMPACT_ATOMS: atom_id res chain seq x y z
N SER A 19 -8.58 -10.90 -43.54
CA SER A 19 -7.54 -10.12 -42.79
C SER A 19 -6.15 -10.40 -43.39
N HIS A 20 -5.22 -9.45 -43.29
CA HIS A 20 -3.83 -9.61 -43.77
C HIS A 20 -3.11 -10.77 -43.06
N MET A 21 -3.63 -11.23 -41.90
CA MET A 21 -3.04 -12.30 -41.02
C MET A 21 -3.75 -13.64 -41.20
N GLY A 22 -4.69 -13.74 -42.14
CA GLY A 22 -5.50 -14.95 -42.36
C GLY A 22 -6.00 -15.51 -41.03
N LEU A 23 -5.86 -16.81 -40.81
CA LEU A 23 -6.48 -17.51 -39.66
C LEU A 23 -5.70 -17.20 -38.37
N LEU A 24 -4.46 -16.69 -38.49
CA LEU A 24 -3.58 -16.38 -37.32
C LEU A 24 -4.30 -15.36 -36.42
N ASN A 25 -4.92 -14.34 -37.03
CA ASN A 25 -5.84 -13.39 -36.33
C ASN A 25 -6.83 -12.89 -37.39
N THR A 26 -8.12 -13.19 -37.22
CA THR A 26 -9.20 -12.76 -38.16
C THR A 26 -9.49 -11.26 -38.00
N LYS A 27 -9.03 -10.61 -36.93
CA LYS A 27 -9.32 -9.18 -36.70
C LYS A 27 -8.06 -8.49 -36.20
N PRO A 28 -7.01 -8.31 -37.03
CA PRO A 28 -5.75 -7.69 -36.59
C PRO A 28 -6.01 -6.26 -36.11
N CYS A 29 -5.29 -5.82 -35.09
CA CYS A 29 -5.53 -4.50 -34.50
C CYS A 29 -5.30 -3.42 -35.58
N SER A 30 -6.19 -2.42 -35.61
CA SER A 30 -6.14 -1.24 -36.51
C SER A 30 -4.80 -0.54 -36.41
N LEU A 31 -4.10 -0.68 -35.26
CA LEU A 31 -2.88 0.11 -34.95
C LEU A 31 -1.66 -0.50 -35.63
N ILE A 32 -1.76 -1.74 -36.13
CA ILE A 32 -0.55 -2.45 -36.65
C ILE A 32 0.12 -1.63 -37.77
N PRO A 33 -0.58 -1.16 -38.84
CA PRO A 33 0.12 -0.41 -39.87
C PRO A 33 0.83 0.85 -39.36
N ALA A 34 0.27 1.56 -38.37
CA ALA A 34 0.88 2.80 -37.83
C ALA A 34 2.16 2.42 -37.10
N LYS A 35 2.12 1.31 -36.38
CA LYS A 35 3.31 0.83 -35.59
C LYS A 35 4.43 0.38 -36.56
N GLU A 36 4.07 -0.37 -37.59
CA GLU A 36 5.05 -0.82 -38.61
C GLU A 36 5.62 0.38 -39.35
N ALA A 37 4.79 1.36 -39.71
CA ALA A 37 5.23 2.58 -40.41
C ALA A 37 6.21 3.37 -39.52
N PHE A 38 5.88 3.52 -38.23
CA PHE A 38 6.77 4.20 -37.27
C PHE A 38 8.13 3.47 -37.23
N GLU A 39 8.13 2.13 -37.26
CA GLU A 39 9.41 1.36 -37.16
C GLU A 39 10.25 1.66 -38.42
N ARG A 40 9.60 1.94 -39.57
CA ARG A 40 10.35 2.30 -40.81
C ARG A 40 10.79 3.77 -40.77
N GLU A 41 9.96 4.70 -40.28
CA GLU A 41 10.13 6.16 -40.54
C GLU A 41 10.54 6.97 -39.29
N LYS A 42 10.67 6.33 -38.12
CA LYS A 42 10.95 7.05 -36.85
C LYS A 42 12.24 7.86 -36.98
N LYS A 43 12.27 8.99 -36.28
CA LYS A 43 13.51 9.80 -36.11
C LYS A 43 13.91 9.77 -34.64
N ILE A 44 14.95 9.02 -34.30
CA ILE A 44 15.43 8.85 -32.90
C ILE A 44 16.81 9.45 -32.84
N TYR A 45 17.06 10.33 -31.89
CA TYR A 45 18.29 11.17 -31.88
C TYR A 45 19.22 10.72 -30.75
N GLY A 46 18.86 9.68 -30.01
CA GLY A 46 19.67 9.17 -28.90
C GLY A 46 18.89 8.25 -28.01
N LYS A 47 19.55 7.49 -27.14
CA LYS A 47 18.83 6.56 -26.26
C LYS A 47 19.73 6.22 -25.08
N ALA A 48 19.14 5.84 -23.96
CA ALA A 48 19.90 5.41 -22.77
C ALA A 48 19.00 4.53 -21.89
N ILE A 49 19.60 3.61 -21.15
CA ILE A 49 18.90 2.87 -20.06
C ILE A 49 19.30 3.54 -18.74
N LEU A 50 18.36 3.71 -17.83
CA LEU A 50 18.61 4.27 -16.50
C LEU A 50 19.17 3.16 -15.59
N SER A 51 20.07 3.52 -14.67
CA SER A 51 20.66 2.64 -13.64
C SER A 51 20.06 2.99 -12.29
N PHE A 52 19.63 1.99 -11.51
CA PHE A 52 19.05 2.25 -10.17
C PHE A 52 19.85 1.51 -9.10
N ASP A 53 20.19 2.27 -8.07
CA ASP A 53 20.92 1.75 -6.88
C ASP A 53 19.99 1.71 -5.67
N GLY A 54 20.29 0.85 -4.70
CA GLY A 54 19.61 0.95 -3.40
C GLY A 54 18.42 0.03 -3.30
N VAL A 55 18.20 -0.87 -4.27
CA VAL A 55 17.03 -1.79 -4.19
C VAL A 55 17.51 -3.24 -4.37
N ASN A 56 18.66 -3.58 -3.79
CA ASN A 56 19.16 -4.98 -3.73
C ASN A 56 19.14 -5.64 -5.12
N GLY A 57 19.39 -4.90 -6.18
CA GLY A 57 19.49 -5.46 -7.54
C GLY A 57 18.14 -5.81 -8.15
N TYR A 58 17.01 -5.48 -7.50
CA TYR A 58 15.65 -5.63 -8.07
C TYR A 58 15.57 -4.85 -9.39
N ASP A 59 14.63 -5.27 -10.24
CA ASP A 59 14.30 -4.48 -11.47
C ASP A 59 13.54 -3.24 -11.04
N VAL A 60 13.73 -2.18 -11.82
CA VAL A 60 12.99 -0.90 -11.63
C VAL A 60 12.47 -0.51 -13.03
N TYR A 61 11.16 -0.30 -13.13
CA TYR A 61 10.54 -0.03 -14.44
C TYR A 61 9.25 0.78 -14.24
N ASN A 62 8.64 1.12 -15.37
CA ASN A 62 7.33 1.80 -15.41
C ASN A 62 7.36 2.96 -14.41
N CYS A 63 8.35 3.82 -14.56
CA CYS A 63 8.60 4.97 -13.68
C CYS A 63 7.57 6.08 -13.92
N SER A 64 7.40 6.96 -12.94
CA SER A 64 6.87 8.30 -13.19
C SER A 64 7.78 9.02 -14.18
N ILE A 65 7.37 10.20 -14.66
CA ILE A 65 8.38 11.13 -15.21
C ILE A 65 9.29 11.60 -14.08
N PRO A 66 10.52 12.04 -14.43
CA PRO A 66 11.37 12.74 -13.49
C PRO A 66 10.75 14.07 -13.10
N PHE A 67 11.07 14.54 -11.92
CA PHE A 67 10.57 15.83 -11.40
C PHE A 67 11.65 16.46 -10.56
N THR A 68 11.51 17.73 -10.25
CA THR A 68 12.48 18.45 -9.42
C THR A 68 11.82 18.85 -8.11
N TYR A 69 12.64 18.91 -7.06
CA TYR A 69 12.22 19.34 -5.72
C TYR A 69 13.44 19.78 -4.93
N ASP A 70 13.41 21.00 -4.39
CA ASP A 70 14.42 21.45 -3.38
C ASP A 70 15.83 21.27 -3.96
N GLY A 71 15.99 21.52 -5.27
CA GLY A 71 17.30 21.62 -5.94
C GLY A 71 17.76 20.31 -6.53
N LYS A 72 16.94 19.26 -6.47
CA LYS A 72 17.37 17.89 -6.89
C LYS A 72 16.33 17.29 -7.85
N THR A 73 16.76 16.31 -8.63
CA THR A 73 15.91 15.58 -9.57
C THR A 73 15.56 14.25 -8.92
N TYR A 74 14.30 13.86 -9.06
CA TYR A 74 13.73 12.64 -8.50
C TYR A 74 12.95 11.86 -9.54
N ILE A 75 12.74 10.56 -9.29
CA ILE A 75 11.80 9.74 -10.10
C ILE A 75 11.21 8.65 -9.20
N PHE A 76 9.95 8.32 -9.40
CA PHE A 76 9.29 7.15 -8.75
C PHE A 76 9.49 5.96 -9.66
N GLY A 77 9.91 4.82 -9.11
CA GLY A 77 10.08 3.58 -9.84
C GLY A 77 9.20 2.48 -9.31
N ARG A 78 8.74 1.63 -10.22
CA ARG A 78 8.10 0.34 -9.84
C ARG A 78 9.21 -0.71 -9.60
N VAL A 79 9.29 -1.19 -8.38
CA VAL A 79 10.43 -2.08 -7.93
C VAL A 79 9.94 -3.49 -7.69
N GLU A 80 10.58 -4.46 -8.34
CA GLU A 80 10.10 -5.87 -8.35
C GLU A 80 11.27 -6.78 -8.69
N LYS A 81 11.37 -7.91 -7.98
CA LYS A 81 12.39 -8.91 -8.34
C LYS A 81 12.09 -9.44 -9.77
N LYS A 82 13.13 -9.69 -10.55
CA LYS A 82 12.96 -10.11 -11.96
C LYS A 82 12.10 -11.38 -12.04
N ASP A 83 12.26 -12.32 -11.12
CA ASP A 83 11.54 -13.61 -11.15
C ASP A 83 10.34 -13.63 -10.19
N GLU A 84 9.76 -12.48 -9.83
CA GLU A 84 8.55 -12.40 -9.01
C GLU A 84 7.50 -11.57 -9.80
N TRP A 85 6.26 -12.01 -9.76
CA TRP A 85 5.09 -11.38 -10.42
C TRP A 85 4.13 -10.91 -9.34
N VAL A 86 3.61 -9.70 -9.51
CA VAL A 86 2.64 -9.07 -8.57
C VAL A 86 3.30 -8.95 -7.16
N HIS A 87 4.54 -8.49 -7.12
CA HIS A 87 5.27 -8.21 -5.86
C HIS A 87 5.98 -6.88 -6.00
N SER A 88 5.28 -5.84 -6.50
CA SER A 88 5.89 -4.52 -6.71
C SER A 88 5.70 -3.61 -5.50
N ASN A 89 6.61 -2.68 -5.37
CA ASN A 89 6.45 -1.48 -4.53
C ASN A 89 6.94 -0.29 -5.37
N SER A 90 6.44 0.89 -5.05
CA SER A 90 6.87 2.15 -5.67
C SER A 90 7.76 2.90 -4.70
N ILE A 91 8.91 3.26 -5.20
CA ILE A 91 10.04 3.81 -4.39
C ILE A 91 10.49 5.10 -5.05
N LEU A 92 10.72 6.12 -4.24
CA LEU A 92 11.32 7.41 -4.66
C LEU A 92 12.83 7.28 -4.80
N PHE A 93 13.34 7.63 -5.97
CA PHE A 93 14.79 7.66 -6.28
C PHE A 93 15.24 9.09 -6.53
N GLU A 94 16.41 9.43 -6.00
CA GLU A 94 17.11 10.72 -6.22
C GLU A 94 18.17 10.52 -7.30
N LYS A 95 18.31 11.47 -8.21
CA LYS A 95 19.34 11.38 -9.27
C LYS A 95 20.74 11.51 -8.64
N VAL A 96 21.62 10.57 -8.96
CA VAL A 96 23.03 10.51 -8.49
C VAL A 96 23.95 11.14 -9.55
N GLY A 97 23.70 10.76 -10.80
CA GLY A 97 24.49 11.24 -11.93
C GLY A 97 23.74 11.04 -13.23
N GLU A 98 24.42 11.23 -14.34
CA GLU A 98 23.78 11.07 -15.66
C GLU A 98 23.17 9.66 -15.74
N ASN A 99 21.86 9.59 -15.92
CA ASN A 99 21.11 8.31 -16.07
C ASN A 99 21.30 7.38 -14.87
N ARG A 100 21.53 7.93 -13.70
CA ARG A 100 21.80 7.11 -12.50
C ARG A 100 21.01 7.64 -11.32
N TYR A 101 20.27 6.76 -10.68
CA TYR A 101 19.35 7.10 -9.57
C TYR A 101 19.60 6.17 -8.40
N ARG A 102 19.30 6.63 -7.20
CA ARG A 102 19.41 5.78 -5.98
C ARG A 102 18.21 5.99 -5.07
N ARG A 103 17.75 4.92 -4.44
CA ARG A 103 16.63 5.01 -3.46
C ARG A 103 16.92 6.12 -2.44
N HIS A 104 16.00 7.08 -2.28
CA HIS A 104 16.15 8.15 -1.26
C HIS A 104 15.69 7.60 0.06
N PRO A 105 16.61 7.31 1.03
CA PRO A 105 16.23 6.63 2.27
C PRO A 105 15.18 7.34 3.13
N ALA A 106 15.10 8.67 3.05
CA ALA A 106 14.18 9.43 3.93
C ALA A 106 12.72 9.18 3.49
N SER A 107 12.48 8.91 2.21
CA SER A 107 11.08 8.79 1.70
C SER A 107 10.45 7.47 2.20
N ILE A 108 9.18 7.48 2.54
CA ILE A 108 8.40 6.23 2.65
C ILE A 108 8.24 5.63 1.24
N THR A 109 7.84 4.38 1.18
CA THR A 109 7.54 3.61 -0.03
C THR A 109 6.02 3.40 -0.09
N TYR A 110 5.54 3.07 -1.29
CA TYR A 110 4.11 2.89 -1.57
C TYR A 110 3.93 1.47 -2.10
N ASN A 111 2.94 0.78 -1.56
CA ASN A 111 2.60 -0.60 -1.95
C ASN A 111 1.74 -0.50 -3.23
N LEU A 112 2.38 -0.16 -4.35
CA LEU A 112 1.70 0.18 -5.61
C LEU A 112 2.57 -0.23 -6.79
N GLU A 113 1.91 -0.47 -7.92
CA GLU A 113 2.50 -0.64 -9.25
C GLU A 113 2.33 0.67 -10.06
N ASP A 114 3.23 0.92 -11.00
CA ASP A 114 3.03 1.90 -12.10
C ASP A 114 2.78 3.26 -11.49
N PRO A 115 3.78 3.84 -10.78
CA PRO A 115 3.60 5.15 -10.15
C PRO A 115 3.57 6.28 -11.18
N PHE A 116 2.87 7.35 -10.84
CA PHE A 116 2.75 8.53 -11.75
C PHE A 116 2.54 9.79 -10.91
N VAL A 117 3.04 10.92 -11.44
CA VAL A 117 2.94 12.24 -10.77
C VAL A 117 2.41 13.30 -11.73
N VAL A 118 1.87 14.33 -11.11
CA VAL A 118 1.44 15.55 -11.86
C VAL A 118 1.36 16.67 -10.84
N LYS A 119 1.43 17.92 -11.29
CA LYS A 119 1.23 19.08 -10.40
C LYS A 119 -0.19 19.57 -10.54
N ILE A 120 -0.88 19.74 -9.43
CA ILE A 120 -2.28 20.27 -9.34
C ILE A 120 -2.31 21.31 -8.21
N HIS A 121 -2.71 22.56 -8.53
CA HIS A 121 -2.93 23.63 -7.55
C HIS A 121 -1.69 23.72 -6.65
N GLY A 122 -0.52 23.69 -7.25
CA GLY A 122 0.73 24.05 -6.56
C GLY A 122 1.30 22.88 -5.77
N GLU A 123 0.71 21.70 -5.83
CA GLU A 123 1.25 20.53 -5.07
C GLU A 123 1.36 19.30 -5.97
N MET A 124 2.00 18.26 -5.48
CA MET A 124 2.09 16.98 -6.19
C MET A 124 0.82 16.16 -5.93
N VAL A 125 0.32 15.53 -6.99
CA VAL A 125 -0.67 14.40 -6.94
C VAL A 125 0.05 13.17 -7.47
N PHE A 126 0.19 12.18 -6.60
CA PHE A 126 0.92 10.95 -6.89
C PHE A 126 -0.10 9.82 -6.90
N GLY A 127 0.01 8.90 -7.84
CA GLY A 127 -0.90 7.75 -7.88
C GLY A 127 -0.15 6.47 -8.25
N GLY A 128 -0.81 5.35 -8.06
CA GLY A 128 -0.33 4.05 -8.55
C GLY A 128 -1.43 3.03 -8.36
N THR A 129 -1.17 1.78 -8.73
CA THR A 129 -2.18 0.70 -8.67
C THR A 129 -1.97 -0.10 -7.37
N HIS A 130 -2.99 -0.17 -6.55
CA HIS A 130 -2.99 -1.02 -5.33
C HIS A 130 -3.72 -2.31 -5.67
N VAL A 131 -3.01 -3.43 -5.52
CA VAL A 131 -3.49 -4.77 -5.90
C VAL A 131 -3.98 -5.51 -4.66
N THR A 132 -5.14 -6.12 -4.76
CA THR A 132 -5.73 -6.95 -3.70
C THR A 132 -5.64 -8.39 -4.16
N LYS A 133 -5.22 -9.26 -3.23
CA LYS A 133 -5.15 -10.71 -3.45
C LYS A 133 -6.09 -11.45 -2.50
N ASN A 134 -6.39 -12.68 -2.87
CA ASN A 134 -7.21 -13.64 -2.12
C ASN A 134 -6.49 -14.99 -2.21
N GLY A 135 -5.84 -15.41 -1.13
CA GLY A 135 -5.09 -16.68 -1.12
C GLY A 135 -4.02 -16.71 -2.21
N GLY A 136 -3.29 -15.60 -2.44
CA GLY A 136 -2.18 -15.54 -3.41
C GLY A 136 -2.61 -15.12 -4.80
N LYS A 137 -3.92 -15.12 -5.09
CA LYS A 137 -4.47 -14.85 -6.44
C LYS A 137 -4.98 -13.40 -6.49
N VAL A 138 -4.65 -12.66 -7.54
CA VAL A 138 -5.18 -11.27 -7.69
C VAL A 138 -6.69 -11.35 -7.75
N SER A 139 -7.37 -10.56 -6.92
CA SER A 139 -8.84 -10.54 -6.84
C SER A 139 -9.38 -9.16 -7.25
N ASP A 140 -8.58 -8.10 -7.09
CA ASP A 140 -9.03 -6.72 -7.33
C ASP A 140 -7.83 -5.80 -7.50
N TYR A 141 -8.03 -4.65 -8.09
CA TYR A 141 -6.99 -3.61 -8.12
C TYR A 141 -7.70 -2.28 -8.35
N ARG A 142 -7.11 -1.22 -7.85
CA ARG A 142 -7.63 0.13 -8.13
C ARG A 142 -6.52 1.15 -7.93
N CYS A 143 -6.64 2.32 -8.56
CA CYS A 143 -5.68 3.43 -8.43
CA CYS A 143 -5.71 3.46 -8.44
C CYS A 143 -5.89 4.11 -7.07
N GLU A 144 -4.80 4.38 -6.37
CA GLU A 144 -4.75 5.16 -5.13
C GLU A 144 -4.03 6.48 -5.44
N PHE A 145 -4.57 7.55 -4.87
CA PHE A 145 -4.09 8.93 -5.10
C PHE A 145 -3.66 9.53 -3.77
N TYR A 146 -2.51 10.18 -3.83
CA TYR A 146 -1.89 10.92 -2.71
C TYR A 146 -1.69 12.36 -3.15
N HIS A 147 -1.67 13.28 -2.20
CA HIS A 147 -1.23 14.65 -2.49
C HIS A 147 -0.37 15.23 -1.40
N GLY A 148 0.42 16.22 -1.81
CA GLY A 148 1.20 17.06 -0.90
C GLY A 148 2.49 17.45 -1.56
N THR A 149 3.56 17.52 -0.78
CA THR A 149 4.93 17.72 -1.29
C THR A 149 5.57 16.34 -1.43
N PRO A 150 6.64 16.22 -2.20
CA PRO A 150 7.17 14.91 -2.59
C PRO A 150 7.58 13.97 -1.45
N PHE A 151 8.05 14.50 -0.32
CA PHE A 151 8.40 13.68 0.87
C PHE A 151 7.29 13.74 1.91
N ASN A 152 6.14 14.32 1.58
CA ASN A 152 5.02 14.45 2.55
C ASN A 152 3.69 14.24 1.82
N LEU A 153 3.54 13.07 1.23
CA LEU A 153 2.35 12.70 0.43
C LEU A 153 1.31 12.04 1.34
N LYS A 154 0.07 12.50 1.22
CA LYS A 154 -1.07 12.02 2.01
C LYS A 154 -2.10 11.36 1.10
N TYR A 155 -2.54 10.18 1.49
CA TYR A 155 -3.55 9.37 0.76
C TYR A 155 -4.92 10.02 0.92
N PHE A 156 -5.64 10.22 -0.19
CA PHE A 156 -6.96 10.91 -0.12
C PHE A 156 -8.05 10.20 -0.93
N SER A 157 -7.75 9.34 -1.90
CA SER A 157 -8.84 8.70 -2.66
C SER A 157 -8.34 7.52 -3.46
N SER A 158 -9.26 6.59 -3.69
CA SER A 158 -9.07 5.50 -4.67
C SER A 158 -10.08 5.67 -5.81
N GLY A 159 -9.70 5.27 -7.02
CA GLY A 159 -10.64 5.15 -8.13
C GLY A 159 -11.44 3.85 -8.05
N PRO A 160 -12.28 3.60 -9.05
CA PRO A 160 -13.17 2.44 -9.09
C PRO A 160 -12.38 1.14 -9.26
N SER A 161 -13.00 0.06 -8.84
CA SER A 161 -12.43 -1.31 -8.96
C SER A 161 -12.08 -1.56 -10.43
N LYS A 162 -10.88 -2.06 -10.66
CA LYS A 162 -10.31 -2.54 -11.94
C LYS A 162 -10.16 -1.41 -12.96
N MET A 163 -10.17 -0.14 -12.56
CA MET A 163 -9.85 0.96 -13.48
C MET A 163 -8.41 1.41 -13.25
N LYS A 164 -7.53 1.07 -14.20
CA LYS A 164 -6.08 1.34 -14.08
C LYS A 164 -5.73 2.76 -14.53
N ASP A 165 -6.27 3.22 -15.63
CA ASP A 165 -5.65 4.35 -16.37
C ASP A 165 -6.42 5.63 -16.05
N ILE A 166 -6.19 6.16 -14.86
CA ILE A 166 -6.75 7.46 -14.43
C ILE A 166 -5.59 8.44 -14.37
N ARG A 167 -5.74 9.61 -15.00
CA ARG A 167 -4.67 10.62 -15.03
C ARG A 167 -5.30 12.00 -14.87
N LEU A 168 -4.61 12.89 -14.16
CA LEU A 168 -5.09 14.25 -13.83
C LEU A 168 -4.22 15.26 -14.56
N VAL A 169 -4.79 16.48 -14.68
CA VAL A 169 -4.04 17.65 -15.22
C VAL A 169 -4.78 18.88 -14.73
N GLU A 170 -4.05 19.96 -14.52
CA GLU A 170 -4.65 21.28 -14.24
C GLU A 170 -4.91 21.96 -15.57
N LEU A 171 -6.18 22.31 -15.80
CA LEU A 171 -6.65 22.95 -17.07
C LEU A 171 -6.29 24.43 -17.05
N ALA A 172 -6.35 25.05 -18.24
CA ALA A 172 -6.08 26.48 -18.46
C ALA A 172 -6.94 27.29 -17.49
N ASP A 173 -8.18 26.90 -17.24
CA ASP A 173 -9.11 27.70 -16.40
C ASP A 173 -8.96 27.39 -14.91
N GLY A 174 -8.00 26.54 -14.52
CA GLY A 174 -7.75 26.26 -13.09
C GLY A 174 -8.52 25.07 -12.56
N LYS A 175 -9.41 24.48 -13.36
CA LYS A 175 -10.15 23.27 -12.98
C LYS A 175 -9.20 22.08 -13.17
N ILE A 176 -9.62 20.93 -12.65
CA ILE A 176 -8.83 19.68 -12.73
C ILE A 176 -9.49 18.79 -13.76
N GLY A 177 -8.71 18.40 -14.77
CA GLY A 177 -9.15 17.43 -15.79
C GLY A 177 -8.80 16.01 -15.34
N ILE A 178 -9.70 15.07 -15.63
CA ILE A 178 -9.57 13.64 -15.25
C ILE A 178 -9.83 12.80 -16.49
N PHE A 179 -8.82 12.02 -16.91
CA PHE A 179 -8.99 10.98 -17.93
C PHE A 179 -9.28 9.64 -17.22
N THR A 180 -10.23 8.89 -17.75
CA THR A 180 -10.76 7.61 -17.21
C THR A 180 -10.67 6.55 -18.31
N HIS A 181 -10.73 5.28 -17.95
CA HIS A 181 -10.64 4.13 -18.88
C HIS A 181 -11.74 3.14 -18.51
N PHE A 182 -12.74 2.92 -19.36
CA PHE A 182 -13.83 1.95 -19.07
C PHE A 182 -13.53 0.58 -19.71
N LEU A 189 -12.35 2.22 -23.84
CA LEU A 189 -12.96 3.58 -23.99
C LEU A 189 -12.39 4.56 -22.98
N THR A 190 -11.96 5.73 -23.44
CA THR A 190 -11.41 6.81 -22.58
C THR A 190 -12.52 7.81 -22.29
N GLY A 191 -12.68 8.20 -21.03
CA GLY A 191 -13.58 9.25 -20.57
C GLY A 191 -12.81 10.47 -20.11
N PHE A 192 -13.49 11.62 -20.03
CA PHE A 192 -12.91 12.86 -19.49
C PHE A 192 -13.96 13.60 -18.68
N THR A 193 -13.57 14.15 -17.53
CA THR A 193 -14.45 14.97 -16.68
C THR A 193 -13.60 15.99 -15.92
N THR A 194 -14.24 16.86 -15.15
CA THR A 194 -13.51 17.91 -14.40
C THR A 194 -14.10 17.99 -12.99
N ILE A 195 -13.26 18.45 -12.08
CA ILE A 195 -13.65 18.82 -10.69
C ILE A 195 -12.92 20.12 -10.34
N ASP A 196 -13.32 20.73 -9.23
CA ASP A 196 -12.75 22.04 -8.80
C ASP A 196 -11.52 21.84 -7.92
N LYS A 197 -11.55 20.86 -7.05
CA LYS A 197 -10.43 20.66 -6.10
C LYS A 197 -10.14 19.17 -5.96
N VAL A 198 -8.91 18.84 -5.55
CA VAL A 198 -8.44 17.42 -5.75
C VAL A 198 -9.26 16.50 -4.83
N GLU A 199 -9.75 17.00 -3.71
CA GLU A 199 -10.54 16.22 -2.72
CA GLU A 199 -10.52 16.19 -2.70
C GLU A 199 -11.91 15.79 -3.23
N ASP A 200 -12.32 16.34 -4.37
CA ASP A 200 -13.61 15.95 -4.96
C ASP A 200 -13.44 14.78 -5.90
N LEU A 201 -12.23 14.21 -5.97
CA LEU A 201 -11.98 13.03 -6.82
C LEU A 201 -12.61 11.82 -6.14
N THR A 202 -13.74 11.37 -6.65
CA THR A 202 -14.54 10.26 -6.13
C THR A 202 -14.77 9.23 -7.22
N VAL A 203 -15.12 8.02 -6.81
CA VAL A 203 -15.57 6.93 -7.71
C VAL A 203 -16.76 7.46 -8.52
N GLU A 204 -17.65 8.22 -7.92
CA GLU A 204 -18.91 8.66 -8.59
C GLU A 204 -18.56 9.66 -9.73
N VAL A 205 -17.65 10.60 -9.48
CA VAL A 205 -17.18 11.56 -10.51
C VAL A 205 -16.50 10.80 -11.64
N ILE A 206 -15.64 9.85 -11.32
CA ILE A 206 -14.85 9.09 -12.33
C ILE A 206 -15.80 8.25 -13.18
N ASN A 207 -16.73 7.53 -12.57
CA ASN A 207 -17.63 6.61 -13.32
C ASN A 207 -18.60 7.38 -14.22
N SER A 208 -18.88 8.62 -13.90
CA SER A 208 -19.83 9.44 -14.68
C SER A 208 -19.10 10.28 -15.76
N ALA A 209 -17.84 10.07 -16.04
CA ALA A 209 -17.10 10.83 -17.08
C ALA A 209 -17.70 10.58 -18.46
N LYS A 210 -17.84 11.62 -19.29
CA LYS A 210 -18.30 11.51 -20.70
C LYS A 210 -17.19 10.85 -21.54
N LEU A 211 -17.54 10.02 -22.54
CA LEU A 211 -16.54 9.36 -23.44
C LEU A 211 -15.91 10.38 -24.40
N ILE A 212 -14.60 10.29 -24.64
CA ILE A 212 -13.92 11.18 -25.62
C ILE A 212 -14.06 10.57 -27.00
N ASN A 213 -13.60 11.29 -28.02
CA ASN A 213 -13.67 10.79 -29.43
C ASN A 213 -12.70 9.62 -29.55
N HIS A 214 -13.25 8.40 -29.62
CA HIS A 214 -12.39 7.19 -29.66
C HIS A 214 -12.00 6.84 -31.09
N ARG A 215 -12.60 7.49 -32.09
CA ARG A 215 -12.45 7.04 -33.51
C ARG A 215 -10.97 6.96 -33.94
N PRO A 216 -10.08 7.91 -33.56
CA PRO A 216 -8.67 7.81 -33.97
C PRO A 216 -7.94 6.56 -33.44
N PHE A 217 -8.36 6.04 -32.28
CA PHE A 217 -7.64 4.97 -31.57
C PHE A 217 -7.99 3.60 -32.15
N GLY A 218 -9.07 3.52 -32.95
CA GLY A 218 -9.51 2.23 -33.48
C GLY A 218 -9.79 1.23 -32.36
N ASP A 219 -9.36 -0.02 -32.53
CA ASP A 219 -9.61 -1.11 -31.53
C ASP A 219 -8.33 -1.42 -30.74
N ALA A 220 -7.39 -0.47 -30.68
CA ALA A 220 -6.19 -0.59 -29.82
C ALA A 220 -6.63 -0.42 -28.37
N TRP A 221 -6.03 -1.12 -27.41
CA TRP A 221 -6.37 -0.80 -26.01
C TRP A 221 -5.31 0.16 -25.48
N GLY A 222 -5.67 0.95 -24.47
CA GLY A 222 -4.71 1.75 -23.71
C GLY A 222 -5.30 3.05 -23.24
N GLY A 223 -4.46 4.02 -22.93
CA GLY A 223 -4.93 5.35 -22.48
C GLY A 223 -3.76 6.24 -22.09
N PRO A 224 -4.03 7.45 -21.56
CA PRO A 224 -2.97 8.37 -21.23
C PRO A 224 -2.08 7.89 -20.07
N SER A 225 -0.83 8.32 -20.08
CA SER A 225 0.12 8.09 -18.97
CA SER A 225 0.17 8.08 -19.00
C SER A 225 0.53 9.41 -18.30
N GLN A 226 0.73 10.43 -19.11
CA GLN A 226 1.13 11.78 -18.65
C GLN A 226 0.43 12.82 -19.52
N VAL A 227 -0.20 13.76 -18.87
CA VAL A 227 -0.99 14.83 -19.54
C VAL A 227 -0.35 16.18 -19.24
N TYR A 228 -0.23 17.00 -20.27
CA TYR A 228 0.43 18.32 -20.24
C TYR A 228 -0.55 19.38 -20.71
N LEU A 229 -0.56 20.49 -20.01
CA LEU A 229 -1.26 21.70 -20.50
C LEU A 229 -0.40 22.38 -21.56
N LEU A 230 -1.00 22.72 -22.69
CA LEU A 230 -0.29 23.47 -23.78
C LEU A 230 -0.75 24.94 -23.82
N SER A 231 0.09 25.78 -24.41
CA SER A 231 -0.09 27.24 -24.45
C SER A 231 -1.37 27.57 -25.22
N SER A 232 -1.83 26.67 -26.08
CA SER A 232 -3.09 26.83 -26.87
C SER A 232 -4.31 26.56 -25.98
N GLY A 233 -4.11 26.01 -24.77
CA GLY A 233 -5.20 25.59 -23.88
C GLY A 233 -5.64 24.14 -24.14
N LEU A 234 -5.11 23.52 -25.20
CA LEU A 234 -5.35 22.10 -25.47
C LEU A 234 -4.45 21.29 -24.52
N LEU A 235 -4.78 20.00 -24.39
CA LEU A 235 -3.99 19.06 -23.57
C LEU A 235 -3.16 18.16 -24.48
N GLY A 236 -1.88 18.09 -24.22
CA GLY A 236 -1.02 17.09 -24.88
C GLY A 236 -0.97 15.82 -24.03
N CYS A 237 -1.43 14.71 -24.57
CA CYS A 237 -1.45 13.42 -23.86
C CYS A 237 -0.34 12.54 -24.41
N ILE A 238 0.52 12.05 -23.50
CA ILE A 238 1.48 10.96 -23.78
C ILE A 238 0.81 9.70 -23.29
N SER A 239 0.63 8.72 -24.17
CA SER A 239 -0.27 7.59 -23.90
C SER A 239 0.42 6.26 -24.20
N HIS A 240 -0.24 5.17 -23.81
CA HIS A 240 0.20 3.78 -24.12
C HIS A 240 -0.94 3.10 -24.86
N HIS A 241 -0.67 2.55 -26.03
CA HIS A 241 -1.66 1.75 -26.81
C HIS A 241 -1.03 0.40 -27.24
N GLY A 242 -1.84 -0.64 -27.28
CA GLY A 242 -1.33 -1.96 -27.61
C GLY A 242 -2.41 -2.90 -28.05
N TYR A 243 -2.01 -4.14 -28.25
CA TYR A 243 -2.82 -5.20 -28.87
C TYR A 243 -2.04 -6.50 -28.74
N LEU A 244 -2.70 -7.61 -29.06
CA LEU A 244 -2.08 -8.94 -29.04
C LEU A 244 -1.60 -9.24 -30.45
N LEU A 245 -0.37 -9.73 -30.59
CA LEU A 245 0.18 -10.11 -31.91
C LEU A 245 0.44 -11.62 -31.85
N ASP A 246 -0.43 -12.36 -32.53
CA ASP A 246 -0.23 -13.83 -32.71
CA ASP A 246 -0.23 -13.83 -32.72
C ASP A 246 0.88 -13.99 -33.76
N GLN A 247 1.75 -15.00 -33.55
CA GLN A 247 2.90 -15.22 -34.45
C GLN A 247 2.87 -16.66 -34.97
N LYS A 248 3.07 -16.83 -36.29
CA LYS A 248 3.25 -18.15 -36.93
C LYS A 248 4.45 -18.78 -36.21
N ASP A 249 4.35 -20.04 -35.78
CA ASP A 249 5.50 -20.77 -35.19
C ASP A 249 6.27 -19.82 -34.27
N GLY A 250 5.52 -19.03 -33.48
CA GLY A 250 6.04 -18.17 -32.41
C GLY A 250 4.94 -17.94 -31.37
N ILE A 251 5.28 -17.28 -30.27
CA ILE A 251 4.34 -17.04 -29.14
C ILE A 251 3.56 -15.73 -29.42
N GLN A 252 2.47 -15.52 -28.68
CA GLN A 252 1.66 -14.29 -28.77
C GLN A 252 2.38 -13.18 -28.00
N LEU A 253 2.54 -12.02 -28.63
CA LEU A 253 3.16 -10.85 -27.97
C LEU A 253 2.06 -9.94 -27.45
N ARG A 254 2.22 -9.41 -26.23
CA ARG A 254 1.43 -8.25 -25.75
C ARG A 254 2.19 -6.99 -26.19
N ILE A 255 1.81 -6.38 -27.32
CA ILE A 255 2.48 -5.16 -27.84
C ILE A 255 2.00 -3.99 -26.99
N TYR A 256 2.92 -3.14 -26.58
CA TYR A 256 2.64 -1.81 -26.00
CA TYR A 256 2.63 -1.80 -26.00
C TYR A 256 3.62 -0.84 -26.65
N ALA A 257 3.06 0.20 -27.27
CA ALA A 257 3.80 1.29 -27.92
C ALA A 257 3.49 2.60 -27.17
N CYS A 258 4.43 3.51 -27.23
CA CYS A 258 4.33 4.87 -26.72
C CYS A 258 3.65 5.69 -27.81
N THR A 259 2.57 6.35 -27.41
CA THR A 259 1.73 7.11 -28.37
C THR A 259 1.51 8.50 -27.81
N SER A 260 0.92 9.39 -28.64
CA SER A 260 0.55 10.74 -28.15
C SER A 260 -0.68 11.19 -28.92
N PHE A 261 -1.43 12.10 -28.32
CA PHE A 261 -2.52 12.79 -29.02
C PHE A 261 -2.77 14.10 -28.31
N VAL A 262 -3.49 14.98 -28.99
CA VAL A 262 -3.84 16.30 -28.46
C VAL A 262 -5.36 16.27 -28.28
N PHE A 263 -5.82 16.82 -27.18
CA PHE A 263 -7.22 16.70 -26.73
C PHE A 263 -7.74 18.11 -26.48
N ASP A 264 -8.96 18.38 -26.97
CA ASP A 264 -9.65 19.65 -26.68
C ASP A 264 -10.68 19.41 -25.60
N PRO A 265 -10.48 19.94 -24.37
CA PRO A 265 -11.43 19.70 -23.29
C PRO A 265 -12.81 20.36 -23.49
N ALA A 266 -12.91 21.32 -24.41
CA ALA A 266 -14.18 22.02 -24.72
C ALA A 266 -15.08 21.09 -25.56
N THR A 267 -14.52 20.33 -26.50
CA THR A 267 -15.31 19.56 -27.50
C THR A 267 -15.12 18.03 -27.36
N TYR A 268 -14.16 17.58 -26.56
CA TYR A 268 -13.81 16.14 -26.39
C TYR A 268 -13.19 15.60 -27.68
N GLU A 269 -12.71 16.48 -28.57
CA GLU A 269 -12.08 16.10 -29.85
C GLU A 269 -10.62 15.70 -29.63
N VAL A 270 -10.17 14.72 -30.43
CA VAL A 270 -8.80 14.17 -30.41
C VAL A 270 -8.16 14.54 -31.73
N TYR A 271 -6.93 15.04 -31.67
CA TYR A 271 -6.07 15.42 -32.81
C TYR A 271 -4.72 14.70 -32.74
N ASN A 272 -4.11 14.44 -33.88
CA ASN A 272 -2.67 14.14 -34.05
C ASN A 272 -2.31 12.84 -33.30
N PHE A 273 -3.17 11.82 -33.27
CA PHE A 273 -2.87 10.53 -32.62
C PHE A 273 -1.74 9.89 -33.42
N LYS A 274 -0.70 9.47 -32.73
CA LYS A 274 0.45 8.85 -33.43
C LYS A 274 1.29 8.02 -32.48
N ILE A 275 2.10 7.20 -33.11
CA ILE A 275 3.12 6.41 -32.40
C ILE A 275 4.37 7.29 -32.25
N ILE A 276 4.98 7.32 -31.05
CA ILE A 276 6.22 8.14 -30.83
C ILE A 276 7.37 7.29 -30.26
N GLY A 277 7.11 6.04 -29.93
CA GLY A 277 8.16 5.17 -29.36
C GLY A 277 7.73 3.73 -29.36
N THR A 278 8.71 2.83 -29.51
CA THR A 278 8.51 1.36 -29.41
C THR A 278 9.71 0.76 -28.64
N LYS A 279 9.54 -0.45 -28.11
CA LYS A 279 10.63 -1.08 -27.30
C LYS A 279 11.93 -1.13 -28.12
N GLY A 280 11.84 -1.45 -29.40
CA GLY A 280 12.99 -1.58 -30.32
C GLY A 280 13.82 -0.30 -30.47
N CYS A 281 13.27 0.86 -30.11
CA CYS A 281 13.98 2.16 -30.16
C CYS A 281 14.95 2.28 -28.98
N PHE A 282 14.68 1.59 -27.88
CA PHE A 282 15.46 1.71 -26.62
C PHE A 282 16.63 0.74 -26.69
N PRO A 283 17.65 0.88 -25.80
CA PRO A 283 18.73 -0.11 -25.76
C PRO A 283 18.15 -1.50 -25.47
N PRO A 284 18.76 -2.58 -25.97
CA PRO A 284 18.19 -3.91 -25.78
C PRO A 284 18.12 -4.31 -24.29
N CYS A 285 17.08 -5.08 -23.96
CA CYS A 285 16.96 -5.75 -22.64
C CYS A 285 15.99 -6.91 -22.75
N GLU A 286 16.39 -8.04 -22.17
CA GLU A 286 15.56 -9.26 -22.13
C GLU A 286 14.30 -8.94 -21.32
N PRO A 287 13.11 -9.21 -21.90
CA PRO A 287 11.86 -8.89 -21.23
C PRO A 287 11.63 -9.82 -20.05
N LYS A 288 10.68 -9.45 -19.21
CA LYS A 288 10.40 -10.18 -17.96
C LYS A 288 10.00 -11.62 -18.33
N LEU A 289 9.15 -11.75 -19.37
CA LEU A 289 8.81 -13.02 -20.05
C LEU A 289 8.78 -12.73 -21.53
N PRO A 290 8.95 -13.76 -22.37
CA PRO A 290 9.01 -13.59 -23.82
C PRO A 290 7.84 -12.87 -24.46
N HIS A 291 6.63 -12.94 -23.88
CA HIS A 291 5.44 -12.26 -24.44
C HIS A 291 5.62 -10.74 -24.35
N LEU A 292 6.61 -10.22 -23.62
CA LEU A 292 6.80 -8.75 -23.43
C LEU A 292 7.96 -8.23 -24.27
N ALA A 293 8.38 -8.98 -25.31
CA ALA A 293 9.55 -8.63 -26.13
C ALA A 293 9.31 -7.34 -26.95
N ASP A 294 8.06 -6.90 -27.07
CA ASP A 294 7.74 -5.64 -27.81
C ASP A 294 6.80 -4.80 -26.94
N CYS A 295 7.12 -4.73 -25.65
CA CYS A 295 6.34 -3.98 -24.64
C CYS A 295 7.14 -2.76 -24.15
N ALA A 296 6.68 -1.55 -24.48
CA ALA A 296 7.17 -0.30 -23.91
C ALA A 296 5.96 0.38 -23.27
N PHE A 297 6.04 0.58 -21.96
CA PHE A 297 4.96 1.18 -21.15
C PHE A 297 5.44 2.57 -20.80
N VAL A 298 4.85 3.58 -21.48
CA VAL A 298 5.46 4.95 -21.48
C VAL A 298 5.33 5.56 -20.08
N SER A 299 6.29 6.42 -19.74
CA SER A 299 6.27 7.25 -18.52
C SER A 299 5.87 8.69 -18.87
N GLY A 300 6.54 9.29 -19.84
CA GLY A 300 6.23 10.68 -20.24
C GLY A 300 7.40 11.36 -20.89
N ILE A 301 7.25 12.66 -21.21
CA ILE A 301 8.32 13.44 -21.87
C ILE A 301 8.83 14.53 -20.94
N GLU A 302 10.04 14.94 -21.22
CA GLU A 302 10.71 16.08 -20.58
C GLU A 302 11.34 16.89 -21.72
N MET A 303 11.07 18.19 -21.74
CA MET A 303 11.65 19.09 -22.77
C MET A 303 13.18 19.15 -22.58
N ARG A 304 13.89 19.17 -23.70
CA ARG A 304 15.35 19.45 -23.72
C ARG A 304 15.57 20.90 -24.14
N ASN A 305 16.77 21.42 -23.84
CA ASN A 305 17.17 22.80 -24.24
C ASN A 305 17.16 22.90 -25.76
N ASP A 306 17.46 21.82 -26.46
CA ASP A 306 17.55 21.82 -27.95
C ASP A 306 16.15 21.74 -28.59
N GLY A 307 15.07 21.76 -27.80
CA GLY A 307 13.68 21.77 -28.31
C GLY A 307 13.16 20.38 -28.63
N LYS A 308 14.02 19.34 -28.60
CA LYS A 308 13.57 17.93 -28.64
CA LYS A 308 13.57 17.93 -28.64
C LYS A 308 13.07 17.52 -27.25
N CYS A 309 12.63 16.28 -27.10
CA CYS A 309 12.20 15.72 -25.80
CA CYS A 309 12.32 15.79 -25.74
C CYS A 309 12.94 14.41 -25.47
N ASN A 310 13.10 14.13 -24.19
CA ASN A 310 13.40 12.80 -23.67
C ASN A 310 12.06 12.12 -23.45
N LEU A 311 11.84 11.01 -24.15
CA LEU A 311 10.66 10.13 -23.91
C LEU A 311 11.11 9.00 -22.99
N TYR A 312 10.70 9.07 -21.74
CA TYR A 312 10.92 8.00 -20.73
C TYR A 312 9.87 6.91 -20.89
N SER A 313 10.30 5.64 -20.82
CA SER A 313 9.41 4.46 -20.85
C SER A 313 9.96 3.32 -20.00
N GLY A 314 9.07 2.59 -19.33
CA GLY A 314 9.32 1.21 -18.95
C GLY A 314 9.47 0.35 -20.18
N ILE A 315 10.39 -0.64 -20.12
CA ILE A 315 10.63 -1.53 -21.28
C ILE A 315 10.75 -2.98 -20.79
N GLY A 316 9.92 -3.82 -21.38
CA GLY A 316 9.90 -5.26 -21.14
C GLY A 316 9.48 -5.61 -19.72
N ASP A 317 8.92 -4.66 -18.97
CA ASP A 317 8.60 -4.87 -17.53
C ASP A 317 9.90 -5.24 -16.77
N VAL A 318 11.06 -4.77 -17.21
CA VAL A 318 12.34 -5.01 -16.47
C VAL A 318 13.17 -3.74 -16.31
N ALA A 319 12.96 -2.67 -17.09
CA ALA A 319 13.92 -1.56 -17.12
C ALA A 319 13.20 -0.26 -17.43
N GLU A 320 13.92 0.84 -17.26
CA GLU A 320 13.46 2.19 -17.61
C GLU A 320 14.53 2.82 -18.50
N GLY A 321 14.10 3.39 -19.62
CA GLY A 321 15.02 4.10 -20.52
C GLY A 321 14.38 5.37 -21.05
N TYR A 322 15.16 6.12 -21.83
CA TYR A 322 14.56 7.20 -22.62
C TYR A 322 15.13 7.15 -24.02
N ILE A 323 14.35 7.71 -24.96
CA ILE A 323 14.85 7.97 -26.33
C ILE A 323 14.64 9.46 -26.58
N VAL A 324 15.47 10.00 -27.45
CA VAL A 324 15.40 11.43 -27.83
C VAL A 324 14.54 11.55 -29.10
N ILE A 325 13.42 12.26 -28.99
CA ILE A 325 12.43 12.35 -30.11
C ILE A 325 12.12 13.80 -30.39
N ASP A 326 11.54 14.05 -31.56
CA ASP A 326 10.94 15.38 -31.85
C ASP A 326 9.80 15.64 -30.88
N TYR A 327 9.55 16.91 -30.56
CA TYR A 327 8.43 17.34 -29.69
C TYR A 327 7.13 16.82 -30.28
N PRO A 328 6.39 15.91 -29.60
CA PRO A 328 5.25 15.23 -30.19
C PRO A 328 4.00 16.11 -30.40
N PHE A 329 3.93 17.24 -29.72
CA PHE A 329 2.78 18.21 -29.82
C PHE A 329 3.12 19.39 -30.74
N GLU A 330 4.18 19.34 -31.51
CA GLU A 330 4.63 20.42 -32.41
C GLU A 330 3.44 20.88 -33.24
N GLY A 331 3.14 22.18 -33.22
CA GLY A 331 2.00 22.74 -33.97
C GLY A 331 0.81 23.01 -33.06
N TYR A 332 0.73 22.46 -31.85
CA TYR A 332 -0.47 22.57 -30.98
C TYR A 332 -0.15 23.40 -29.73
N GLY A 333 1.07 23.95 -29.68
CA GLY A 333 1.51 24.82 -28.58
C GLY A 333 2.59 24.18 -27.73
N LYS A 334 3.24 25.02 -26.95
CA LYS A 334 4.32 24.68 -26.00
C LYS A 334 3.68 24.13 -24.71
N ILE A 335 4.38 23.19 -24.06
CA ILE A 335 4.01 22.74 -22.69
C ILE A 335 4.17 23.93 -21.76
N VAL A 336 3.15 24.22 -20.97
CA VAL A 336 3.23 25.30 -19.95
C VAL A 336 3.00 24.72 -18.56
N SER A 337 2.52 23.49 -18.42
CA SER A 337 2.53 22.78 -17.13
C SER A 337 3.98 22.39 -16.77
N ASP A 338 4.19 22.12 -15.49
CA ASP A 338 5.54 21.77 -14.98
C ASP A 338 5.42 20.68 -13.91
N VAL A 339 6.58 20.10 -13.60
CA VAL A 339 6.78 19.21 -12.43
C VAL A 339 7.98 19.72 -11.66
N ALA A 340 8.12 21.03 -11.55
CA ALA A 340 9.11 21.72 -10.68
C ALA A 340 8.42 22.01 -9.35
N PHE A 341 8.55 21.09 -8.39
CA PHE A 341 7.91 21.19 -7.06
C PHE A 341 8.80 22.00 -6.09
N PRO B 28 -25.66 -2.40 31.99
CA PRO B 28 -24.32 -1.89 32.33
C PRO B 28 -23.22 -2.90 31.96
N CYS B 29 -22.10 -2.45 31.39
CA CYS B 29 -21.13 -3.42 30.83
C CYS B 29 -20.58 -4.33 31.94
N SER B 30 -20.49 -5.63 31.66
CA SER B 30 -19.92 -6.64 32.59
C SER B 30 -18.43 -6.36 32.81
N LEU B 31 -17.77 -5.72 31.85
CA LEU B 31 -16.31 -5.41 31.94
C LEU B 31 -16.11 -4.37 33.06
N ILE B 32 -17.12 -3.54 33.32
CA ILE B 32 -16.94 -2.32 34.17
C ILE B 32 -16.43 -2.70 35.56
N PRO B 33 -17.08 -3.59 36.35
CA PRO B 33 -16.55 -4.02 37.65
C PRO B 33 -15.10 -4.54 37.61
N ALA B 34 -14.79 -5.38 36.61
CA ALA B 34 -13.45 -5.97 36.42
C ALA B 34 -12.44 -4.84 36.21
N LYS B 35 -12.81 -3.79 35.47
CA LYS B 35 -11.90 -2.64 35.21
C LYS B 35 -11.71 -1.83 36.48
N GLU B 36 -12.82 -1.40 37.11
CA GLU B 36 -12.79 -0.58 38.35
C GLU B 36 -11.95 -1.35 39.39
N ALA B 37 -12.18 -2.67 39.53
CA ALA B 37 -11.47 -3.55 40.48
C ALA B 37 -9.98 -3.55 40.17
N PHE B 38 -9.66 -3.77 38.90
CA PHE B 38 -8.26 -3.84 38.42
C PHE B 38 -7.56 -2.52 38.71
N GLU B 39 -8.25 -1.40 38.43
CA GLU B 39 -7.68 -0.04 38.62
C GLU B 39 -7.32 0.11 40.10
N ARG B 40 -8.15 -0.42 40.99
CA ARG B 40 -7.92 -0.43 42.45
C ARG B 40 -6.83 -1.45 42.84
N GLU B 41 -6.77 -2.68 42.31
CA GLU B 41 -5.83 -3.70 42.91
C GLU B 41 -4.78 -4.33 41.95
N LYS B 42 -4.33 -3.61 40.92
CA LYS B 42 -3.27 -4.12 40.01
C LYS B 42 -1.92 -4.28 40.72
N LYS B 43 -1.03 -5.11 40.17
CA LYS B 43 0.40 -5.12 40.57
C LYS B 43 1.22 -4.68 39.36
N ILE B 44 1.78 -3.47 39.38
CA ILE B 44 2.67 -3.00 38.27
C ILE B 44 4.09 -2.87 38.80
N TYR B 45 5.06 -3.44 38.10
CA TYR B 45 6.42 -3.61 38.68
C TYR B 45 7.42 -2.67 38.00
N GLY B 46 6.95 -1.86 37.05
CA GLY B 46 7.74 -0.93 36.23
C GLY B 46 6.94 -0.44 35.02
N LYS B 47 7.42 0.60 34.37
CA LYS B 47 6.69 1.17 33.21
C LYS B 47 7.66 2.08 32.47
N ALA B 48 7.45 2.24 31.16
CA ALA B 48 8.24 3.20 30.37
C ALA B 48 7.43 3.57 29.12
N ILE B 49 7.71 4.77 28.59
CA ILE B 49 7.30 5.14 27.23
C ILE B 49 8.52 4.94 26.32
N LEU B 50 8.27 4.41 25.12
CA LEU B 50 9.33 4.16 24.10
C LEU B 50 9.65 5.45 23.35
N SER B 51 10.91 5.65 22.92
CA SER B 51 11.33 6.78 22.05
C SER B 51 11.53 6.25 20.63
N PHE B 52 11.02 6.99 19.64
CA PHE B 52 11.24 6.64 18.22
C PHE B 52 11.90 7.78 17.49
N ASP B 53 12.93 7.45 16.73
CA ASP B 53 13.74 8.38 15.91
C ASP B 53 13.55 8.05 14.44
N GLY B 54 13.79 9.04 13.57
CA GLY B 54 13.82 8.86 12.12
C GLY B 54 12.46 9.01 11.47
N VAL B 55 11.47 9.56 12.16
CA VAL B 55 10.14 9.80 11.52
C VAL B 55 9.71 11.27 11.74
N ASN B 56 10.66 12.22 11.66
CA ASN B 56 10.35 13.68 11.63
C ASN B 56 9.45 14.08 12.78
N GLY B 57 9.61 13.47 13.95
CA GLY B 57 8.84 13.84 15.16
C GLY B 57 7.38 13.41 15.11
N TYR B 58 6.96 12.63 14.09
CA TYR B 58 5.61 12.01 14.05
C TYR B 58 5.37 11.14 15.29
N ASP B 59 4.13 10.97 15.67
CA ASP B 59 3.72 10.02 16.73
C ASP B 59 3.90 8.60 16.19
N VAL B 60 4.28 7.69 17.09
CA VAL B 60 4.41 6.24 16.80
C VAL B 60 3.61 5.51 17.88
N TYR B 61 2.68 4.66 17.48
CA TYR B 61 1.76 3.99 18.40
C TYR B 61 1.30 2.67 17.80
N ASN B 62 0.52 1.95 18.61
CA ASN B 62 -0.13 0.68 18.19
C ASN B 62 0.89 -0.19 17.47
N CYS B 63 2.00 -0.48 18.13
CA CYS B 63 3.12 -1.23 17.54
C CYS B 63 2.80 -2.74 17.47
N SER B 64 3.52 -3.43 16.61
CA SER B 64 3.68 -4.91 16.73
C SER B 64 4.30 -5.19 18.11
N ILE B 65 4.39 -6.45 18.49
CA ILE B 65 5.36 -6.77 19.57
C ILE B 65 6.77 -6.63 19.00
N PRO B 66 7.80 -6.45 19.87
CA PRO B 66 9.23 -6.51 19.50
C PRO B 66 9.53 -7.94 19.03
N PHE B 67 10.47 -8.07 18.13
CA PHE B 67 10.90 -9.37 17.57
C PHE B 67 12.39 -9.28 17.31
N THR B 68 13.03 -10.43 17.11
CA THR B 68 14.48 -10.45 16.85
C THR B 68 14.71 -10.97 15.43
N TYR B 69 15.78 -10.50 14.83
CA TYR B 69 16.24 -10.98 13.52
C TYR B 69 17.73 -10.67 13.38
N ASP B 70 18.50 -11.71 13.09
CA ASP B 70 19.94 -11.61 12.75
C ASP B 70 20.65 -10.75 13.81
N GLY B 71 20.32 -10.97 15.08
CA GLY B 71 21.07 -10.47 16.23
C GLY B 71 20.59 -9.12 16.72
N LYS B 72 19.48 -8.63 16.19
CA LYS B 72 18.97 -7.29 16.58
C LYS B 72 17.49 -7.41 16.92
N THR B 73 17.01 -6.42 17.67
CA THR B 73 15.61 -6.30 18.09
C THR B 73 14.99 -5.26 17.19
N TYR B 74 13.80 -5.59 16.75
CA TYR B 74 12.98 -4.71 15.87
C TYR B 74 11.55 -4.57 16.40
N ILE B 75 10.85 -3.52 15.92
CA ILE B 75 9.42 -3.36 16.19
C ILE B 75 8.80 -2.58 15.00
N PHE B 76 7.59 -3.00 14.59
CA PHE B 76 6.78 -2.21 13.62
C PHE B 76 5.98 -1.19 14.41
N GLY B 77 5.97 0.06 13.94
CA GLY B 77 5.16 1.13 14.54
C GLY B 77 4.18 1.73 13.52
N ARG B 78 3.03 2.10 14.03
CA ARG B 78 2.05 2.94 13.27
C ARG B 78 2.47 4.40 13.41
N VAL B 79 2.76 5.05 12.29
CA VAL B 79 3.42 6.38 12.26
C VAL B 79 2.43 7.37 11.67
N GLU B 80 2.16 8.45 12.41
CA GLU B 80 1.10 9.42 12.05
C GLU B 80 1.41 10.75 12.68
N LYS B 81 1.15 11.82 11.94
CA LYS B 81 1.32 13.17 12.52
C LYS B 81 0.25 13.36 13.61
N LYS B 82 0.61 14.01 14.72
CA LYS B 82 -0.27 14.16 15.89
C LYS B 82 -1.57 14.82 15.46
N ASP B 83 -1.53 15.80 14.54
CA ASP B 83 -2.77 16.53 14.16
C ASP B 83 -3.36 16.06 12.82
N GLU B 84 -3.10 14.82 12.38
CA GLU B 84 -3.69 14.22 11.16
C GLU B 84 -4.41 12.95 11.60
N TRP B 85 -5.55 12.65 11.00
CA TRP B 85 -6.34 11.43 11.25
C TRP B 85 -6.40 10.62 9.95
N VAL B 86 -6.19 9.30 10.02
CA VAL B 86 -6.24 8.39 8.84
C VAL B 86 -5.14 8.79 7.85
N HIS B 87 -3.94 9.04 8.36
CA HIS B 87 -2.72 9.32 7.55
C HIS B 87 -1.55 8.54 8.14
N SER B 88 -1.77 7.24 8.35
CA SER B 88 -0.77 6.34 9.00
C SER B 88 0.03 5.59 7.94
N ASN B 89 1.26 5.24 8.32
CA ASN B 89 2.08 4.25 7.62
C ASN B 89 2.74 3.39 8.69
N SER B 90 3.05 2.17 8.33
CA SER B 90 3.71 1.20 9.21
C SER B 90 5.18 1.11 8.79
N ILE B 91 6.04 1.36 9.78
CA ILE B 91 7.49 1.51 9.59
C ILE B 91 8.21 0.53 10.53
N LEU B 92 9.22 -0.10 9.98
CA LEU B 92 10.14 -0.99 10.77
C LEU B 92 11.18 -0.16 11.51
N PHE B 93 11.29 -0.39 12.83
CA PHE B 93 12.28 0.30 13.67
C PHE B 93 13.22 -0.75 14.28
N GLU B 94 14.50 -0.39 14.31
CA GLU B 94 15.57 -1.18 15.00
CA GLU B 94 15.58 -1.17 14.99
C GLU B 94 15.75 -0.59 16.40
N LYS B 95 15.89 -1.45 17.40
CA LYS B 95 16.23 -0.99 18.75
C LYS B 95 17.69 -0.55 18.73
N VAL B 96 17.94 0.70 19.14
CA VAL B 96 19.31 1.27 19.16
C VAL B 96 19.72 1.60 20.60
N GLY B 97 18.82 1.50 21.56
CA GLY B 97 19.18 1.73 22.97
C GLY B 97 18.06 1.39 23.91
N GLU B 98 18.30 1.61 25.20
CA GLU B 98 17.31 1.38 26.27
C GLU B 98 16.04 2.17 25.89
N ASN B 99 14.94 1.47 25.55
CA ASN B 99 13.63 2.04 25.20
C ASN B 99 13.72 2.97 24.00
N ARG B 100 14.72 2.76 23.13
CA ARG B 100 14.99 3.67 22.01
C ARG B 100 15.03 2.90 20.69
N TYR B 101 14.24 3.36 19.72
CA TYR B 101 14.07 2.73 18.41
C TYR B 101 14.29 3.77 17.31
N ARG B 102 14.83 3.33 16.18
CA ARG B 102 15.10 4.22 15.04
C ARG B 102 14.63 3.55 13.76
N ARG B 103 14.01 4.32 12.87
CA ARG B 103 13.55 3.77 11.58
C ARG B 103 14.74 3.05 10.93
N HIS B 104 14.53 1.83 10.47
CA HIS B 104 15.56 1.12 9.70
C HIS B 104 15.42 1.52 8.23
N PRO B 105 16.38 2.31 7.69
CA PRO B 105 16.25 2.82 6.32
C PRO B 105 16.23 1.76 5.20
N ALA B 106 16.74 0.56 5.40
CA ALA B 106 16.77 -0.48 4.34
C ALA B 106 15.35 -1.01 4.10
N SER B 107 14.49 -0.97 5.11
CA SER B 107 13.16 -1.62 4.99
C SER B 107 12.26 -0.73 4.12
N ILE B 108 11.41 -1.37 3.34
CA ILE B 108 10.25 -0.63 2.76
C ILE B 108 9.28 -0.31 3.89
N THR B 109 8.33 0.61 3.63
CA THR B 109 7.24 0.95 4.55
C THR B 109 5.95 0.35 3.97
N TYR B 110 4.93 0.26 4.79
CA TYR B 110 3.63 -0.35 4.44
C TYR B 110 2.55 0.70 4.70
N ASN B 111 1.69 0.88 3.69
CA ASN B 111 0.60 1.87 3.78
C ASN B 111 -0.54 1.21 4.59
N LEU B 112 -0.33 1.04 5.90
CA LEU B 112 -1.19 0.28 6.80
C LEU B 112 -1.23 0.94 8.19
N GLU B 113 -2.33 0.69 8.89
CA GLU B 113 -2.50 1.03 10.32
C GLU B 113 -2.26 -0.25 11.15
N ASP B 114 -1.84 -0.10 12.40
CA ASP B 114 -1.96 -1.17 13.42
C ASP B 114 -1.21 -2.42 12.96
N PRO B 115 0.12 -2.32 12.75
CA PRO B 115 0.88 -3.47 12.26
C PRO B 115 1.05 -4.56 13.32
N PHE B 116 1.15 -5.80 12.87
CA PHE B 116 1.28 -6.96 13.77
C PHE B 116 2.09 -8.04 13.07
N VAL B 117 2.79 -8.86 13.91
CA VAL B 117 3.66 -9.96 13.44
C VAL B 117 3.36 -11.24 14.22
N VAL B 118 3.68 -12.33 13.57
CA VAL B 118 3.63 -13.67 14.21
C VAL B 118 4.50 -14.58 13.39
N LYS B 119 5.05 -15.63 14.03
CA LYS B 119 5.81 -16.65 13.31
C LYS B 119 4.91 -17.81 12.96
N ILE B 120 4.94 -18.21 11.69
CA ILE B 120 4.17 -19.36 11.13
C ILE B 120 5.13 -20.17 10.26
N HIS B 121 5.39 -21.44 10.64
CA HIS B 121 6.17 -22.38 9.81
C HIS B 121 7.53 -21.75 9.52
N GLY B 122 8.17 -21.16 10.52
CA GLY B 122 9.56 -20.71 10.42
C GLY B 122 9.73 -19.39 9.73
N GLU B 123 8.65 -18.68 9.38
CA GLU B 123 8.79 -17.36 8.69
C GLU B 123 7.88 -16.34 9.37
N MET B 124 8.05 -15.07 9.00
CA MET B 124 7.23 -13.98 9.52
C MET B 124 5.94 -13.87 8.69
N VAL B 125 4.82 -13.69 9.37
CA VAL B 125 3.53 -13.23 8.80
C VAL B 125 3.29 -11.84 9.40
N PHE B 126 3.21 -10.86 8.51
CA PHE B 126 3.05 -9.45 8.92
C PHE B 126 1.69 -9.00 8.37
N GLY B 127 0.92 -8.26 9.16
CA GLY B 127 -0.34 -7.68 8.68
C GLY B 127 -0.55 -6.29 9.22
N GLY B 128 -1.51 -5.61 8.62
CA GLY B 128 -1.99 -4.31 9.10
C GLY B 128 -3.28 -3.98 8.37
N THR B 129 -3.87 -2.84 8.68
CA THR B 129 -5.16 -2.42 8.07
C THR B 129 -4.88 -1.48 6.89
N HIS B 130 -5.35 -1.85 5.71
CA HIS B 130 -5.27 -0.96 4.52
C HIS B 130 -6.59 -0.23 4.38
N VAL B 131 -6.53 1.10 4.40
CA VAL B 131 -7.74 1.99 4.38
C VAL B 131 -7.96 2.48 2.95
N THR B 132 -9.21 2.35 2.50
CA THR B 132 -9.65 2.97 1.21
C THR B 132 -10.48 4.21 1.53
N LYS B 133 -10.21 5.25 0.79
CA LYS B 133 -10.96 6.53 0.84
C LYS B 133 -11.65 6.77 -0.50
N ASN B 134 -12.66 7.64 -0.42
CA ASN B 134 -13.46 8.11 -1.57
C ASN B 134 -13.59 9.62 -1.37
N GLY B 135 -12.75 10.38 -2.05
CA GLY B 135 -12.74 11.84 -1.92
C GLY B 135 -12.52 12.28 -0.50
N GLY B 136 -11.53 11.66 0.18
CA GLY B 136 -11.08 12.12 1.51
C GLY B 136 -11.80 11.42 2.65
N LYS B 137 -12.90 10.73 2.39
CA LYS B 137 -13.74 10.05 3.39
C LYS B 137 -13.41 8.55 3.35
N VAL B 138 -13.25 7.93 4.51
CA VAL B 138 -13.01 6.47 4.57
C VAL B 138 -14.23 5.77 4.02
N SER B 139 -14.03 4.87 3.06
CA SER B 139 -15.10 4.11 2.40
C SER B 139 -14.98 2.62 2.69
N ASP B 140 -13.77 2.12 2.97
CA ASP B 140 -13.58 0.67 3.18
C ASP B 140 -12.25 0.48 3.92
N TYR B 141 -12.07 -0.71 4.48
CA TYR B 141 -10.76 -1.06 5.04
C TYR B 141 -10.70 -2.56 5.14
N ARG B 142 -9.50 -3.09 5.07
CA ARG B 142 -9.35 -4.54 5.25
C ARG B 142 -7.93 -4.87 5.66
N CYS B 143 -7.77 -6.01 6.30
CA CYS B 143 -6.41 -6.49 6.73
CA CYS B 143 -6.43 -6.46 6.72
C CYS B 143 -5.64 -7.01 5.51
N GLU B 144 -4.38 -6.58 5.36
CA GLU B 144 -3.44 -7.09 4.35
C GLU B 144 -2.38 -7.92 5.06
N PHE B 145 -2.05 -9.06 4.48
CA PHE B 145 -1.10 -10.04 5.04
C PHE B 145 0.09 -10.23 4.09
N TYR B 146 1.26 -10.17 4.67
CA TYR B 146 2.57 -10.38 4.00
C TYR B 146 3.26 -11.59 4.67
N HIS B 147 4.08 -12.31 3.93
CA HIS B 147 4.97 -13.30 4.56
C HIS B 147 6.36 -13.27 3.96
N GLY B 148 7.32 -13.82 4.73
CA GLY B 148 8.72 -13.97 4.33
C GLY B 148 9.62 -13.68 5.52
N THR B 149 10.78 -13.09 5.24
CA THR B 149 11.73 -12.61 6.27
C THR B 149 11.46 -11.14 6.49
N PRO B 150 11.89 -10.57 7.64
CA PRO B 150 11.48 -9.22 8.01
C PRO B 150 11.88 -8.10 7.03
N PHE B 151 12.97 -8.25 6.26
CA PHE B 151 13.37 -7.26 5.24
C PHE B 151 12.97 -7.73 3.84
N ASN B 152 12.17 -8.78 3.74
CA ASN B 152 11.76 -9.33 2.41
C ASN B 152 10.35 -9.92 2.53
N LEU B 153 9.39 -9.08 2.90
CA LEU B 153 7.98 -9.47 3.09
C LEU B 153 7.22 -9.32 1.76
N LYS B 154 6.42 -10.35 1.47
CA LYS B 154 5.64 -10.46 0.24
C LYS B 154 4.15 -10.49 0.55
N TYR B 155 3.39 -9.60 -0.11
CA TYR B 155 1.93 -9.51 0.04
C TYR B 155 1.27 -10.74 -0.62
N PHE B 156 0.37 -11.39 0.09
CA PHE B 156 -0.28 -12.62 -0.44
C PHE B 156 -1.80 -12.63 -0.27
N SER B 157 -2.40 -11.90 0.66
CA SER B 157 -3.86 -11.99 0.85
C SER B 157 -4.37 -10.82 1.66
N SER B 158 -5.62 -10.51 1.39
CA SER B 158 -6.40 -9.58 2.21
C SER B 158 -7.56 -10.31 2.85
N GLY B 159 -8.00 -9.84 4.02
CA GLY B 159 -9.23 -10.31 4.63
C GLY B 159 -10.44 -9.58 4.07
N PRO B 160 -11.63 -9.87 4.60
CA PRO B 160 -12.88 -9.31 4.08
C PRO B 160 -13.00 -7.83 4.39
N SER B 161 -13.80 -7.16 3.59
CA SER B 161 -14.17 -5.76 3.79
C SER B 161 -14.64 -5.54 5.24
N LYS B 162 -14.06 -4.53 5.87
CA LYS B 162 -14.44 -3.96 7.17
C LYS B 162 -14.18 -4.95 8.32
N MET B 163 -13.29 -5.94 8.13
CA MET B 163 -12.87 -6.78 9.26
C MET B 163 -11.45 -6.38 9.66
N LYS B 164 -11.29 -5.73 10.83
CA LYS B 164 -9.97 -5.27 11.35
C LYS B 164 -9.26 -6.39 12.09
N ASP B 165 -9.97 -7.17 12.91
CA ASP B 165 -9.27 -7.85 14.05
C ASP B 165 -9.02 -9.31 13.69
N ILE B 166 -8.09 -9.54 12.75
CA ILE B 166 -7.71 -10.92 12.31
C ILE B 166 -6.29 -11.18 12.84
N ARG B 167 -6.10 -12.31 13.53
CA ARG B 167 -4.76 -12.66 14.09
C ARG B 167 -4.52 -14.14 13.84
N LEU B 168 -3.26 -14.49 13.55
CA LEU B 168 -2.87 -15.88 13.25
C LEU B 168 -1.99 -16.42 14.37
N VAL B 169 -1.88 -17.73 14.41
CA VAL B 169 -0.94 -18.41 15.35
C VAL B 169 -0.68 -19.80 14.79
N GLU B 170 0.48 -20.37 15.08
CA GLU B 170 0.76 -21.77 14.72
C GLU B 170 0.36 -22.63 15.93
N LEU B 171 -0.52 -23.59 15.69
CA LEU B 171 -1.07 -24.51 16.66
C LEU B 171 -0.02 -25.62 16.91
N ALA B 172 -0.15 -26.30 18.03
CA ALA B 172 0.85 -27.31 18.48
C ALA B 172 1.04 -28.37 17.40
N ASP B 173 -0.02 -28.75 16.70
CA ASP B 173 0.06 -29.80 15.64
C ASP B 173 0.51 -29.21 14.30
N GLY B 174 0.84 -27.94 14.18
CA GLY B 174 1.37 -27.41 12.94
C GLY B 174 0.29 -26.76 12.07
N LYS B 175 -0.99 -26.88 12.42
CA LYS B 175 -2.05 -26.10 11.70
C LYS B 175 -1.92 -24.62 12.05
N ILE B 176 -2.58 -23.77 11.24
CA ILE B 176 -2.59 -22.30 11.44
C ILE B 176 -3.97 -21.92 11.97
N GLY B 177 -4.01 -21.38 13.18
CA GLY B 177 -5.22 -20.84 13.80
C GLY B 177 -5.45 -19.41 13.33
N ILE B 178 -6.72 -19.07 13.13
CA ILE B 178 -7.16 -17.72 12.65
C ILE B 178 -8.29 -17.25 13.55
N PHE B 179 -8.10 -16.12 14.23
CA PHE B 179 -9.17 -15.41 14.96
C PHE B 179 -9.74 -14.34 14.01
N THR B 180 -11.06 -14.25 14.00
CA THR B 180 -11.85 -13.31 13.15
C THR B 180 -12.75 -12.50 14.07
N HIS B 181 -13.23 -11.36 13.59
CA HIS B 181 -14.13 -10.47 14.40
C HIS B 181 -15.27 -10.02 13.48
N PHE B 182 -16.50 -10.44 13.76
CA PHE B 182 -17.68 -10.08 12.96
C PHE B 182 -18.28 -8.85 13.65
N ARG B 183 -18.16 -7.68 13.03
CA ARG B 183 -18.69 -6.40 13.59
C ARG B 183 -19.32 -5.57 12.48
N THR B 184 -19.59 -6.15 11.30
CA THR B 184 -20.18 -5.39 10.15
C THR B 184 -21.70 -5.20 10.28
N GLU B 185 -22.35 -5.87 11.24
CA GLU B 185 -23.84 -5.92 11.28
C GLU B 185 -24.39 -5.35 12.60
N GLY B 186 -23.60 -4.52 13.30
CA GLY B 186 -23.95 -3.93 14.60
C GLY B 186 -23.55 -4.83 15.76
N SER B 187 -23.28 -6.12 15.49
CA SER B 187 -22.85 -7.17 16.46
C SER B 187 -21.33 -7.12 16.65
N CYS B 188 -20.77 -7.90 17.59
CA CYS B 188 -19.31 -7.95 17.91
C CYS B 188 -18.91 -9.35 18.37
N LEU B 189 -18.76 -10.29 17.43
CA LEU B 189 -18.55 -11.74 17.73
C LEU B 189 -17.17 -12.20 17.24
N THR B 190 -16.56 -13.18 17.87
CA THR B 190 -15.21 -13.64 17.52
C THR B 190 -15.34 -15.03 16.93
N GLY B 191 -14.68 -15.26 15.80
CA GLY B 191 -14.61 -16.59 15.18
C GLY B 191 -13.21 -17.16 15.25
N PHE B 192 -13.13 -18.47 15.02
CA PHE B 192 -11.85 -19.18 14.98
C PHE B 192 -11.94 -20.26 13.92
N THR B 193 -10.90 -20.37 13.12
CA THR B 193 -10.82 -21.44 12.11
C THR B 193 -9.34 -21.84 11.95
N THR B 194 -9.08 -22.86 11.16
CA THR B 194 -7.71 -23.29 10.85
C THR B 194 -7.54 -23.44 9.35
N ILE B 195 -6.31 -23.29 8.90
CA ILE B 195 -5.84 -23.64 7.54
C ILE B 195 -4.53 -24.41 7.68
N ASP B 196 -4.09 -25.05 6.61
CA ASP B 196 -2.88 -25.90 6.65
C ASP B 196 -1.63 -25.10 6.29
N LYS B 197 -1.72 -24.20 5.32
CA LYS B 197 -0.58 -23.39 4.83
C LYS B 197 -1.03 -21.93 4.69
N VAL B 198 -0.12 -20.98 4.86
CA VAL B 198 -0.52 -19.57 5.07
C VAL B 198 -1.20 -19.05 3.78
N GLU B 199 -0.82 -19.53 2.59
CA GLU B 199 -1.45 -19.03 1.34
CA GLU B 199 -1.42 -19.10 1.31
C GLU B 199 -2.86 -19.60 1.14
N ASP B 200 -3.34 -20.43 2.04
CA ASP B 200 -4.75 -20.89 2.07
C ASP B 200 -5.65 -19.83 2.76
N LEU B 201 -5.08 -18.75 3.27
CA LEU B 201 -5.84 -17.69 3.97
C LEU B 201 -6.67 -16.90 2.94
N THR B 202 -7.96 -17.16 2.95
CA THR B 202 -8.88 -16.49 1.98
C THR B 202 -10.02 -15.80 2.72
N VAL B 203 -10.68 -14.87 2.03
CA VAL B 203 -11.95 -14.27 2.50
CA VAL B 203 -11.94 -14.26 2.52
C VAL B 203 -12.95 -15.38 2.82
N GLU B 204 -13.03 -16.42 1.98
CA GLU B 204 -14.03 -17.51 2.18
C GLU B 204 -13.79 -18.25 3.52
N VAL B 205 -12.54 -18.59 3.81
CA VAL B 205 -12.15 -19.27 5.07
C VAL B 205 -12.46 -18.35 6.25
N ILE B 206 -12.06 -17.08 6.15
CA ILE B 206 -12.27 -16.11 7.26
C ILE B 206 -13.77 -15.93 7.52
N ASN B 207 -14.57 -15.67 6.49
CA ASN B 207 -16.01 -15.38 6.66
C ASN B 207 -16.79 -16.57 7.24
N SER B 208 -16.32 -17.78 7.03
CA SER B 208 -17.05 -19.00 7.45
C SER B 208 -16.55 -19.50 8.82
N ALA B 209 -15.68 -18.76 9.53
CA ALA B 209 -15.06 -19.23 10.81
C ALA B 209 -16.17 -19.45 11.84
N LYS B 210 -16.11 -20.56 12.58
CA LYS B 210 -17.06 -20.96 13.64
C LYS B 210 -16.95 -19.96 14.80
N LEU B 211 -18.09 -19.57 15.40
CA LEU B 211 -18.08 -18.56 16.49
C LEU B 211 -17.52 -19.21 17.76
N ILE B 212 -16.70 -18.46 18.49
CA ILE B 212 -16.16 -18.95 19.79
C ILE B 212 -17.19 -18.64 20.87
N ASN B 213 -16.97 -19.16 22.07
CA ASN B 213 -17.83 -18.82 23.23
C ASN B 213 -17.47 -17.39 23.64
N HIS B 214 -18.26 -16.40 23.23
CA HIS B 214 -17.96 -14.99 23.55
C HIS B 214 -18.63 -14.58 24.87
N ARG B 215 -19.40 -15.47 25.51
CA ARG B 215 -20.17 -15.12 26.75
C ARG B 215 -19.23 -14.49 27.78
N PRO B 216 -17.99 -15.02 28.01
CA PRO B 216 -17.05 -14.39 28.96
C PRO B 216 -16.71 -12.91 28.70
N PHE B 217 -16.79 -12.44 27.45
CA PHE B 217 -16.45 -11.02 27.09
C PHE B 217 -17.59 -10.09 27.50
N GLY B 218 -18.79 -10.63 27.74
CA GLY B 218 -19.95 -9.78 28.08
C GLY B 218 -20.25 -8.86 26.93
N ASP B 219 -20.56 -7.57 27.18
CA ASP B 219 -20.89 -6.62 26.10
C ASP B 219 -19.68 -5.70 25.80
N ALA B 220 -18.46 -6.16 26.11
CA ALA B 220 -17.20 -5.57 25.59
C ALA B 220 -17.06 -5.93 24.12
N TRP B 221 -16.39 -5.08 23.36
CA TRP B 221 -16.03 -5.32 21.93
C TRP B 221 -14.52 -5.20 21.76
N GLY B 222 -13.96 -5.87 20.77
CA GLY B 222 -12.51 -5.96 20.52
C GLY B 222 -12.11 -7.36 20.07
N GLY B 223 -10.85 -7.69 20.26
CA GLY B 223 -10.32 -9.04 19.97
C GLY B 223 -8.82 -9.09 20.21
N PRO B 224 -8.15 -10.20 19.84
CA PRO B 224 -6.72 -10.34 20.10
C PRO B 224 -5.87 -9.32 19.34
N SER B 225 -4.75 -8.91 19.93
CA SER B 225 -3.63 -8.22 19.24
C SER B 225 -2.51 -9.22 18.92
N GLN B 226 -2.25 -10.07 19.90
CA GLN B 226 -1.20 -11.13 19.79
C GLN B 226 -1.70 -12.41 20.44
N VAL B 227 -1.51 -13.51 19.71
CA VAL B 227 -1.94 -14.86 20.15
C VAL B 227 -0.67 -15.71 20.35
N TYR B 228 -0.63 -16.47 21.44
CA TYR B 228 0.54 -17.28 21.83
C TYR B 228 0.11 -18.74 21.92
N LEU B 229 0.96 -19.63 21.42
CA LEU B 229 0.83 -21.07 21.69
C LEU B 229 1.40 -21.34 23.09
N LEU B 230 0.63 -22.00 23.94
CA LEU B 230 1.05 -22.35 25.32
C LEU B 230 1.43 -23.83 25.36
N SER B 231 2.21 -24.19 26.36
CA SER B 231 2.80 -25.54 26.48
C SER B 231 1.67 -26.56 26.64
N SER B 232 0.49 -26.13 27.09
CA SER B 232 -0.70 -26.99 27.27
C SER B 232 -1.39 -27.29 25.93
N GLY B 233 -1.02 -26.54 24.87
CA GLY B 233 -1.69 -26.63 23.57
C GLY B 233 -2.86 -25.65 23.45
N LEU B 234 -3.21 -24.99 24.56
CA LEU B 234 -4.18 -23.86 24.56
C LEU B 234 -3.49 -22.63 23.98
N LEU B 235 -4.31 -21.64 23.58
CA LEU B 235 -3.83 -20.36 23.05
C LEU B 235 -4.04 -19.28 24.12
N GLY B 236 -3.00 -18.54 24.40
CA GLY B 236 -3.06 -17.34 25.25
C GLY B 236 -3.28 -16.16 24.33
N CYS B 237 -4.28 -15.38 24.62
CA CYS B 237 -4.66 -14.23 23.76
C CYS B 237 -4.47 -12.94 24.56
N ILE B 238 -3.63 -12.04 24.03
CA ILE B 238 -3.48 -10.67 24.58
C ILE B 238 -4.34 -9.79 23.67
N SER B 239 -5.33 -9.13 24.25
CA SER B 239 -6.48 -8.62 23.49
C SER B 239 -6.75 -7.16 23.89
N HIS B 240 -7.43 -6.46 23.00
CA HIS B 240 -7.98 -5.10 23.24
C HIS B 240 -9.51 -5.22 23.32
N HIS B 241 -10.08 -4.76 24.41
CA HIS B 241 -11.56 -4.70 24.60
C HIS B 241 -11.98 -3.29 25.02
N GLY B 242 -13.06 -2.84 24.40
CA GLY B 242 -13.64 -1.50 24.57
C GLY B 242 -15.08 -1.59 25.04
N TYR B 243 -15.53 -0.56 25.69
CA TYR B 243 -16.94 -0.47 26.15
C TYR B 243 -17.25 0.97 26.46
N LEU B 244 -18.54 1.25 26.62
CA LEU B 244 -19.00 2.60 26.95
C LEU B 244 -19.47 2.57 28.40
N LEU B 245 -18.93 3.48 29.20
CA LEU B 245 -19.29 3.63 30.63
C LEU B 245 -20.21 4.84 30.79
N ASP B 246 -21.36 4.69 31.47
CA ASP B 246 -22.24 5.85 31.75
C ASP B 246 -21.58 6.72 32.82
N ILE B 251 -24.75 10.58 28.94
CA ILE B 251 -23.41 10.74 28.30
C ILE B 251 -22.51 9.54 28.68
N GLN B 252 -21.72 9.05 27.74
CA GLN B 252 -20.85 7.87 27.99
C GLN B 252 -19.38 8.26 27.95
N LEU B 253 -18.55 7.36 28.45
CA LEU B 253 -17.09 7.45 28.27
C LEU B 253 -16.67 6.23 27.45
N ARG B 254 -15.78 6.41 26.48
CA ARG B 254 -15.11 5.29 25.76
C ARG B 254 -13.97 4.79 26.64
N ILE B 255 -13.90 3.48 26.92
CA ILE B 255 -12.76 2.87 27.65
C ILE B 255 -12.20 1.80 26.72
N TYR B 256 -10.91 1.82 26.41
CA TYR B 256 -10.24 0.69 25.72
CA TYR B 256 -10.23 0.68 25.71
C TYR B 256 -9.14 0.18 26.65
N ALA B 257 -9.25 -1.08 27.06
CA ALA B 257 -8.39 -1.74 28.07
C ALA B 257 -7.60 -2.86 27.41
N CYS B 258 -6.45 -3.17 28.02
CA CYS B 258 -5.62 -4.34 27.68
C CYS B 258 -6.20 -5.52 28.47
N THR B 259 -6.54 -6.58 27.74
CA THR B 259 -7.20 -7.76 28.31
C THR B 259 -6.38 -9.00 27.94
N SER B 260 -6.74 -10.13 28.55
CA SER B 260 -6.20 -11.46 28.16
C SER B 260 -7.29 -12.51 28.34
N PHE B 261 -7.17 -13.61 27.60
CA PHE B 261 -8.02 -14.78 27.79
C PHE B 261 -7.32 -15.98 27.21
N VAL B 262 -7.75 -17.14 27.65
CA VAL B 262 -7.17 -18.40 27.17
C VAL B 262 -8.25 -19.10 26.36
N PHE B 263 -7.87 -19.66 25.23
CA PHE B 263 -8.81 -20.27 24.28
C PHE B 263 -8.40 -21.73 24.06
N ASP B 264 -9.40 -22.60 24.02
CA ASP B 264 -9.18 -24.03 23.71
C ASP B 264 -9.64 -24.31 22.30
N PRO B 265 -8.73 -24.55 21.34
CA PRO B 265 -9.12 -24.84 19.96
C PRO B 265 -9.96 -26.13 19.78
N ALA B 266 -9.87 -27.05 20.73
CA ALA B 266 -10.62 -28.32 20.67
C ALA B 266 -12.11 -28.08 20.95
N THR B 267 -12.47 -27.16 21.85
CA THR B 267 -13.86 -26.98 22.34
C THR B 267 -14.44 -25.59 21.96
N TYR B 268 -13.60 -24.65 21.52
CA TYR B 268 -13.96 -23.25 21.25
C TYR B 268 -14.32 -22.55 22.56
N GLU B 269 -13.89 -23.09 23.71
CA GLU B 269 -14.16 -22.45 25.04
C GLU B 269 -13.15 -21.34 25.33
N VAL B 270 -13.60 -20.34 26.08
CA VAL B 270 -12.80 -19.17 26.52
C VAL B 270 -12.72 -19.21 28.03
N TYR B 271 -11.53 -19.00 28.58
CA TYR B 271 -11.22 -19.07 30.03
C TYR B 271 -10.45 -17.83 30.47
N ASN B 272 -10.63 -17.43 31.74
CA ASN B 272 -9.67 -16.57 32.45
C ASN B 272 -9.66 -15.19 31.79
N PHE B 273 -10.80 -14.72 31.26
CA PHE B 273 -10.89 -13.38 30.65
C PHE B 273 -10.67 -12.35 31.75
N LYS B 274 -9.72 -11.44 31.55
CA LYS B 274 -9.49 -10.38 32.56
C LYS B 274 -8.82 -9.15 31.94
N ILE B 275 -8.89 -8.06 32.68
CA ILE B 275 -8.17 -6.82 32.38
C ILE B 275 -6.77 -6.93 32.96
N ILE B 276 -5.76 -6.61 32.16
CA ILE B 276 -4.33 -6.72 32.57
C ILE B 276 -3.62 -5.36 32.46
N GLY B 277 -4.27 -4.35 31.89
CA GLY B 277 -3.73 -2.99 31.88
C GLY B 277 -4.74 -1.99 31.35
N THR B 278 -4.48 -0.76 31.71
CA THR B 278 -5.26 0.44 31.32
C THR B 278 -4.28 1.56 30.98
N LYS B 279 -4.73 2.55 30.23
CA LYS B 279 -3.89 3.71 29.86
C LYS B 279 -3.26 4.32 31.13
N GLY B 280 -4.04 4.45 32.21
CA GLY B 280 -3.60 5.05 33.48
C GLY B 280 -2.45 4.31 34.16
N CYS B 281 -2.17 3.08 33.76
CA CYS B 281 -1.02 2.29 34.30
C CYS B 281 0.29 2.77 33.66
N PHE B 282 0.24 3.32 32.45
CA PHE B 282 1.44 3.73 31.70
C PHE B 282 1.82 5.14 32.12
N PRO B 283 3.03 5.63 31.79
CA PRO B 283 3.38 7.02 32.09
C PRO B 283 2.39 7.93 31.40
N PRO B 284 2.10 9.12 31.96
CA PRO B 284 1.10 9.98 31.34
C PRO B 284 1.55 10.44 29.94
N CYS B 285 0.56 10.65 29.10
CA CYS B 285 0.74 11.34 27.78
C CYS B 285 -0.62 11.84 27.32
N GLU B 286 -0.65 13.05 26.76
CA GLU B 286 -1.88 13.69 26.29
CA GLU B 286 -1.90 13.69 26.31
C GLU B 286 -2.41 12.90 25.11
N PRO B 287 -3.68 12.43 25.15
CA PRO B 287 -4.25 11.63 24.07
C PRO B 287 -4.41 12.44 22.78
N LYS B 288 -4.61 11.75 21.67
CA LYS B 288 -4.69 12.42 20.34
C LYS B 288 -5.84 13.45 20.37
N LEU B 289 -6.98 13.10 20.97
CA LEU B 289 -8.09 14.01 21.35
C LEU B 289 -8.59 13.59 22.71
N PRO B 290 -9.25 14.47 23.47
CA PRO B 290 -9.74 14.13 24.81
C PRO B 290 -10.64 12.90 24.90
N HIS B 291 -11.39 12.54 23.85
CA HIS B 291 -12.27 11.35 23.88
C HIS B 291 -11.41 10.09 23.97
N LEU B 292 -10.09 10.16 23.77
CA LEU B 292 -9.21 8.95 23.87
C LEU B 292 -8.37 8.95 25.16
N ALA B 293 -8.80 9.69 26.17
CA ALA B 293 -8.08 9.82 27.46
C ALA B 293 -8.00 8.48 28.21
N ASP B 294 -8.85 7.51 27.90
CA ASP B 294 -8.81 6.18 28.58
C ASP B 294 -8.77 5.09 27.50
N CYS B 295 -7.92 5.31 26.49
CA CYS B 295 -7.71 4.41 25.33
CA CYS B 295 -7.76 4.36 25.38
C CYS B 295 -6.30 3.82 25.36
N ALA B 296 -6.20 2.51 25.56
CA ALA B 296 -5.00 1.70 25.33
C ALA B 296 -5.35 0.69 24.23
N PHE B 297 -4.45 0.51 23.25
CA PHE B 297 -4.60 -0.53 22.21
C PHE B 297 -3.39 -1.44 22.31
N VAL B 298 -3.63 -2.61 22.87
CA VAL B 298 -2.53 -3.50 23.35
C VAL B 298 -1.73 -4.00 22.13
N SER B 299 -0.43 -4.27 22.35
CA SER B 299 0.50 -4.81 21.34
C SER B 299 0.76 -6.28 21.62
N GLY B 300 1.08 -6.59 22.85
CA GLY B 300 1.38 -7.97 23.24
C GLY B 300 2.33 -8.01 24.41
N ILE B 301 2.73 -9.21 24.79
CA ILE B 301 3.62 -9.39 25.96
C ILE B 301 4.94 -10.02 25.49
N GLU B 302 5.95 -9.80 26.29
CA GLU B 302 7.29 -10.36 26.08
C GLU B 302 7.75 -10.85 27.44
N MET B 303 8.08 -12.14 27.53
CA MET B 303 8.49 -12.78 28.80
C MET B 303 9.81 -12.18 29.26
N ARG B 304 9.95 -11.99 30.56
CA ARG B 304 11.23 -11.55 31.15
C ARG B 304 11.90 -12.74 31.83
N ASN B 305 13.20 -12.60 32.08
CA ASN B 305 14.01 -13.55 32.90
C ASN B 305 13.35 -13.79 34.26
N ASP B 306 12.71 -12.78 34.84
CA ASP B 306 12.19 -12.87 36.24
C ASP B 306 10.81 -13.53 36.28
N GLY B 307 10.32 -14.07 35.15
CA GLY B 307 9.02 -14.77 35.09
C GLY B 307 7.85 -13.81 34.91
N LYS B 308 8.09 -12.51 35.06
CA LYS B 308 7.07 -11.47 34.76
C LYS B 308 7.14 -11.16 33.26
N CYS B 309 6.29 -10.24 32.79
CA CYS B 309 6.36 -9.85 31.37
CA CYS B 309 6.19 -9.87 31.35
C CYS B 309 6.19 -8.35 31.17
N ASN B 310 6.70 -7.89 30.04
CA ASN B 310 6.51 -6.51 29.55
C ASN B 310 5.25 -6.57 28.69
N LEU B 311 4.23 -5.81 29.10
CA LEU B 311 3.00 -5.66 28.30
C LEU B 311 3.14 -4.35 27.53
N TYR B 312 3.36 -4.48 26.22
CA TYR B 312 3.46 -3.34 25.29
C TYR B 312 2.04 -2.93 24.86
N SER B 313 1.79 -1.62 24.82
CA SER B 313 0.50 -1.08 24.33
C SER B 313 0.71 0.27 23.65
N GLY B 314 -0.07 0.49 22.59
CA GLY B 314 -0.38 1.86 22.11
C GLY B 314 -1.19 2.56 23.17
N ILE B 315 -0.94 3.87 23.37
CA ILE B 315 -1.69 4.63 24.39
C ILE B 315 -2.13 5.96 23.81
N GLY B 316 -3.39 6.29 23.99
CA GLY B 316 -3.98 7.58 23.57
C GLY B 316 -3.91 7.83 22.06
N ASP B 317 -3.65 6.83 21.25
CA ASP B 317 -3.34 6.99 19.81
C ASP B 317 -2.19 7.99 19.61
N VAL B 318 -1.23 8.08 20.54
CA VAL B 318 -0.06 9.00 20.40
C VAL B 318 1.26 8.30 20.74
N ALA B 319 1.27 7.20 21.48
CA ALA B 319 2.55 6.72 22.03
C ALA B 319 2.52 5.21 22.15
N GLU B 320 3.71 4.64 22.37
CA GLU B 320 3.85 3.21 22.73
C GLU B 320 4.61 3.12 24.04
N GLY B 321 4.10 2.29 24.94
CA GLY B 321 4.76 2.07 26.24
C GLY B 321 4.68 0.60 26.62
N TYR B 322 5.30 0.26 27.74
CA TYR B 322 5.07 -1.06 28.37
C TYR B 322 4.91 -0.86 29.86
N ILE B 323 4.17 -1.80 30.45
CA ILE B 323 4.13 -1.95 31.94
C ILE B 323 4.62 -3.36 32.24
N VAL B 324 5.22 -3.51 33.43
CA VAL B 324 5.71 -4.84 33.90
C VAL B 324 4.60 -5.46 34.77
N ILE B 325 4.08 -6.60 34.33
CA ILE B 325 2.91 -7.26 34.96
C ILE B 325 3.26 -8.74 35.25
N ASP B 326 2.48 -9.37 36.10
CA ASP B 326 2.54 -10.84 36.31
C ASP B 326 2.10 -11.54 35.02
N TYR B 327 2.65 -12.71 34.75
CA TYR B 327 2.31 -13.55 33.58
C TYR B 327 0.80 -13.80 33.59
N PRO B 328 0.06 -13.31 32.58
CA PRO B 328 -1.40 -13.37 32.60
C PRO B 328 -2.02 -14.74 32.33
N PHE B 329 -1.25 -15.70 31.82
CA PHE B 329 -1.75 -17.07 31.49
C PHE B 329 -1.29 -18.09 32.55
N GLU B 330 -0.86 -17.62 33.72
CA GLU B 330 -0.34 -18.49 34.80
C GLU B 330 -1.39 -19.59 35.05
N GLY B 331 -0.96 -20.87 35.04
CA GLY B 331 -1.86 -22.01 35.24
C GLY B 331 -2.28 -22.69 33.95
N TYR B 332 -2.06 -22.08 32.79
CA TYR B 332 -2.51 -22.60 31.48
C TYR B 332 -1.31 -23.01 30.63
N GLY B 333 -0.08 -22.84 31.17
CA GLY B 333 1.17 -23.19 30.49
C GLY B 333 2.02 -21.98 30.15
N LYS B 334 3.29 -22.22 29.88
CA LYS B 334 4.21 -21.18 29.39
C LYS B 334 4.01 -20.96 27.89
N ILE B 335 4.41 -19.77 27.44
CA ILE B 335 4.49 -19.43 26.01
C ILE B 335 5.54 -20.35 25.38
N VAL B 336 5.20 -21.05 24.31
CA VAL B 336 6.19 -21.81 23.53
C VAL B 336 6.27 -21.30 22.10
N SER B 337 5.36 -20.42 21.67
CA SER B 337 5.59 -19.68 20.40
C SER B 337 6.68 -18.63 20.63
N ASP B 338 7.34 -18.19 19.57
CA ASP B 338 8.43 -17.20 19.64
C ASP B 338 8.32 -16.27 18.44
N VAL B 339 9.06 -15.17 18.51
CA VAL B 339 9.24 -14.20 17.38
C VAL B 339 10.73 -13.95 17.18
N ALA B 340 11.51 -15.03 17.36
CA ALA B 340 12.94 -15.09 17.00
C ALA B 340 13.07 -15.54 15.54
N PHE B 341 13.19 -14.58 14.62
CA PHE B 341 13.27 -14.84 13.15
C PHE B 341 14.73 -15.01 12.73
#